data_3AH4
#
_entry.id   3AH4
#
_cell.length_a   137.921
_cell.length_b   62.176
_cell.length_c   82.270
_cell.angle_alpha   90.00
_cell.angle_beta   104.75
_cell.angle_gamma   90.00
#
_symmetry.space_group_name_H-M   'C 1 2 1'
#
loop_
_entity.id
_entity.type
_entity.pdbx_description
1 polymer 'Main hemagglutinin component'
2 non-polymer beta-D-galactopyranose
3 water water
#
_entity_poly.entity_id   1
_entity_poly.type   'polypeptide(L)'
_entity_poly.pdbx_seq_one_letter_code
;WIMSQTNANDLRNNEVFFISPSNNTNKVLDKISQSEVKLWNKLSGANQKWRLIYDTNKQAYKIKVMDNTSLILTWNAPLS
SVSVKTDTNGDNQYWYLLQNYISRNVIIRNYMNPNLVLQYNIDDTLMVSTQTSSSNQFFKFSNCIYEALNNRNCKLQTQL
NSDRFLSKNLNSQIIVLWQWFDSSRQKWIIEYNETKSAYTLKCQENNRYLTWIQNSNNYVETYQSTDSLIQYWNINYLDN
DASKYILYNLQDTNRVLDVYNSQIANGTHVIVDSYHGNTNQQWIINLI
;
_entity_poly.pdbx_strand_id   A,B
#
loop_
_chem_comp.id
_chem_comp.type
_chem_comp.name
_chem_comp.formula
GAL D-saccharide, beta linking beta-D-galactopyranose 'C6 H12 O6'
#
# COMPACT_ATOMS: atom_id res chain seq x y z
N THR A 6 -3.22 7.71 2.02
CA THR A 6 -4.12 6.90 1.15
C THR A 6 -3.33 5.94 0.25
N ASN A 7 -3.94 4.84 -0.17
CA ASN A 7 -3.33 4.02 -1.19
C ASN A 7 -3.92 4.30 -2.58
N ALA A 8 -4.77 5.34 -2.66
CA ALA A 8 -5.43 5.66 -3.93
C ALA A 8 -4.47 6.13 -5.02
N ASN A 9 -3.31 6.64 -4.62
CA ASN A 9 -2.28 7.08 -5.57
C ASN A 9 -1.19 6.05 -5.90
N ASP A 10 -1.37 4.80 -5.46
CA ASP A 10 -0.41 3.71 -5.73
C ASP A 10 -0.25 3.48 -7.23
N LEU A 11 0.93 3.02 -7.63
CA LEU A 11 1.29 2.95 -9.06
C LEU A 11 0.67 1.73 -9.74
N ARG A 12 -0.65 1.65 -9.69
CA ARG A 12 -1.41 0.54 -10.27
C ARG A 12 -1.41 0.57 -11.77
N ASN A 13 -1.36 -0.62 -12.35
CA ASN A 13 -1.61 -0.79 -13.77
C ASN A 13 -2.99 -0.21 -14.13
N ASN A 14 -3.07 0.45 -15.28
CA ASN A 14 -4.34 0.88 -15.86
C ASN A 14 -5.01 2.00 -15.08
N GLU A 15 -4.26 2.70 -14.24
CA GLU A 15 -4.78 3.92 -13.63
C GLU A 15 -4.20 5.13 -14.34
N VAL A 16 -4.88 6.27 -14.19
CA VAL A 16 -4.51 7.50 -14.88
C VAL A 16 -4.10 8.55 -13.85
N PHE A 17 -3.00 9.23 -14.14
CA PHE A 17 -2.33 10.10 -13.15
C PHE A 17 -1.95 11.46 -13.66
N PHE A 18 -1.90 12.40 -12.72
CA PHE A 18 -1.08 13.60 -12.85
C PHE A 18 0.32 13.22 -12.36
N ILE A 19 1.33 13.63 -13.11
CA ILE A 19 2.71 13.40 -12.70
C ILE A 19 3.33 14.76 -12.43
N SER A 20 3.70 15.01 -11.16
CA SER A 20 4.20 16.32 -10.72
C SER A 20 5.65 16.28 -10.27
N PRO A 21 6.38 17.41 -10.40
CA PRO A 21 7.69 17.47 -9.77
C PRO A 21 7.52 17.41 -8.25
N SER A 22 8.46 16.80 -7.53
CA SER A 22 8.33 16.70 -6.08
C SER A 22 8.30 18.08 -5.41
N ASN A 23 8.91 19.09 -6.06
CA ASN A 23 8.99 20.42 -5.47
C ASN A 23 7.78 21.34 -5.75
N ASN A 24 6.77 20.83 -6.46
CA ASN A 24 5.61 21.66 -6.85
C ASN A 24 4.40 20.84 -7.29
N THR A 25 3.45 20.67 -6.38
CA THR A 25 2.26 19.87 -6.63
C THR A 25 1.29 20.56 -7.62
N ASN A 26 1.57 21.84 -7.91
CA ASN A 26 0.71 22.61 -8.80
CA ASN A 26 0.71 22.61 -8.81
C ASN A 26 1.21 22.63 -10.25
N LYS A 27 2.33 21.94 -10.51
CA LYS A 27 2.78 21.73 -11.88
C LYS A 27 2.65 20.25 -12.23
N VAL A 28 2.32 19.97 -13.49
CA VAL A 28 2.17 18.59 -13.95
C VAL A 28 2.82 18.36 -15.32
N LEU A 29 3.17 17.10 -15.60
CA LEU A 29 3.66 16.72 -16.89
C LEU A 29 2.56 16.99 -17.91
N ASP A 30 2.89 17.74 -18.96
CA ASP A 30 1.88 18.25 -19.90
C ASP A 30 2.38 17.99 -21.31
N LYS A 31 1.58 17.31 -22.13
CA LYS A 31 1.84 17.21 -23.57
C LYS A 31 1.35 18.51 -24.21
N ILE A 32 2.29 19.42 -24.48
CA ILE A 32 1.91 20.74 -24.99
C ILE A 32 1.70 20.76 -26.50
N SER A 33 2.33 19.84 -27.22
CA SER A 33 2.24 19.83 -28.67
C SER A 33 2.09 18.41 -29.18
N GLN A 34 2.21 18.21 -30.49
CA GLN A 34 2.14 16.85 -30.97
C GLN A 34 3.32 15.95 -30.57
N SER A 35 4.42 16.55 -30.13
CA SER A 35 5.62 15.78 -29.78
C SER A 35 6.28 16.17 -28.45
N GLU A 36 5.94 17.34 -27.93
CA GLU A 36 6.72 17.88 -26.82
C GLU A 36 6.00 17.81 -25.48
N VAL A 37 6.78 17.55 -24.44
CA VAL A 37 6.28 17.58 -23.06
C VAL A 37 7.00 18.64 -22.25
N LYS A 38 6.32 19.13 -21.22
CA LYS A 38 6.85 20.20 -20.39
C LYS A 38 6.08 20.15 -19.08
N LEU A 39 6.69 20.59 -17.99
CA LEU A 39 5.92 20.81 -16.74
C LEU A 39 5.12 22.10 -16.88
N TRP A 40 3.85 22.04 -16.50
CA TRP A 40 2.96 23.17 -16.71
C TRP A 40 1.99 23.32 -15.55
N ASN A 41 1.57 24.56 -15.32
CA ASN A 41 0.45 24.88 -14.45
C ASN A 41 -0.66 23.82 -14.56
N LYS A 42 -1.08 23.27 -13.42
CA LYS A 42 -2.12 22.25 -13.43
C LYS A 42 -3.44 22.83 -13.93
N LEU A 43 -3.95 22.25 -15.01
CA LEU A 43 -5.21 22.67 -15.63
C LEU A 43 -6.25 21.56 -15.68
N SER A 44 -5.79 20.32 -15.57
CA SER A 44 -6.63 19.11 -15.63
C SER A 44 -7.20 18.78 -17.01
N GLY A 45 -6.65 19.37 -18.07
CA GLY A 45 -6.97 18.93 -19.44
C GLY A 45 -6.44 17.52 -19.65
N ALA A 46 -6.96 16.81 -20.66
CA ALA A 46 -6.60 15.40 -20.88
C ALA A 46 -5.14 15.24 -21.33
N ASN A 47 -4.55 16.31 -21.86
CA ASN A 47 -3.13 16.35 -22.21
C ASN A 47 -2.19 16.42 -20.99
N GLN A 48 -2.77 16.54 -19.79
CA GLN A 48 -2.01 16.49 -18.52
C GLN A 48 -2.27 15.20 -17.76
N LYS A 49 -2.91 14.23 -18.42
CA LYS A 49 -3.33 12.99 -17.76
C LYS A 49 -2.66 11.81 -18.46
N TRP A 50 -2.16 10.86 -17.67
CA TRP A 50 -1.33 9.78 -18.19
C TRP A 50 -1.74 8.43 -17.65
N ARG A 51 -1.99 7.47 -18.54
CA ARG A 51 -2.37 6.11 -18.13
C ARG A 51 -1.11 5.25 -18.05
N LEU A 52 -1.01 4.46 -16.99
CA LEU A 52 0.09 3.51 -16.83
C LEU A 52 -0.32 2.18 -17.46
N ILE A 53 0.56 1.62 -18.29
CA ILE A 53 0.34 0.30 -18.88
C ILE A 53 1.56 -0.55 -18.55
N TYR A 54 1.37 -1.52 -17.64
CA TYR A 54 2.49 -2.28 -17.10
C TYR A 54 2.78 -3.50 -17.95
N ASP A 55 4.06 -3.70 -18.24
CA ASP A 55 4.55 -4.84 -19.00
C ASP A 55 5.21 -5.77 -17.98
N THR A 56 4.57 -6.89 -17.71
CA THR A 56 5.01 -7.80 -16.63
C THR A 56 6.36 -8.44 -16.96
N ASN A 57 6.53 -8.81 -18.24
CA ASN A 57 7.80 -9.35 -18.72
C ASN A 57 8.98 -8.45 -18.41
N LYS A 58 8.80 -7.15 -18.66
CA LYS A 58 9.84 -6.16 -18.48
C LYS A 58 9.90 -5.60 -17.06
N GLN A 59 8.82 -5.76 -16.29
CA GLN A 59 8.64 -5.11 -14.97
C GLN A 59 8.75 -3.60 -15.10
N ALA A 60 8.24 -3.07 -16.20
CA ALA A 60 8.36 -1.66 -16.55
C ALA A 60 7.06 -1.21 -17.22
N TYR A 61 6.84 0.09 -17.30
CA TYR A 61 5.58 0.62 -17.76
C TYR A 61 5.72 1.47 -19.00
N LYS A 62 4.67 1.51 -19.81
CA LYS A 62 4.45 2.63 -20.73
C LYS A 62 3.61 3.70 -20.03
N ILE A 63 3.81 4.94 -20.44
CA ILE A 63 3.14 6.12 -19.87
C ILE A 63 2.47 6.85 -21.02
N LYS A 64 1.15 6.64 -21.13
CA LYS A 64 0.38 7.07 -22.30
C LYS A 64 -0.46 8.31 -22.01
N VAL A 65 -0.29 9.33 -22.84
CA VAL A 65 -1.12 10.53 -22.71
C VAL A 65 -2.58 10.19 -23.00
N MET A 66 -3.49 10.90 -22.34
CA MET A 66 -4.92 10.63 -22.41
C MET A 66 -5.72 11.64 -23.25
N ASP A 67 -5.05 12.33 -24.17
CA ASP A 67 -5.72 13.34 -25.01
C ASP A 67 -6.32 12.83 -26.34
N ASN A 68 -6.33 11.50 -26.49
CA ASN A 68 -6.83 10.74 -27.68
C ASN A 68 -5.74 10.38 -28.71
N THR A 69 -4.55 10.99 -28.59
CA THR A 69 -3.46 10.74 -29.56
C THR A 69 -2.73 9.42 -29.32
N SER A 70 -2.89 8.86 -28.12
CA SER A 70 -2.28 7.57 -27.74
C SER A 70 -0.74 7.58 -27.72
N LEU A 71 -0.14 8.77 -27.70
CA LEU A 71 1.32 8.87 -27.71
C LEU A 71 1.90 8.55 -26.34
N ILE A 72 3.10 8.00 -26.33
CA ILE A 72 3.72 7.55 -25.08
C ILE A 72 5.06 8.23 -24.80
N LEU A 73 5.36 8.43 -23.51
CA LEU A 73 6.59 9.11 -23.10
C LEU A 73 7.83 8.33 -23.56
N THR A 74 8.72 9.02 -24.26
CA THR A 74 9.79 8.39 -25.01
C THR A 74 11.11 9.10 -24.76
N TRP A 75 12.15 8.33 -24.41
CA TRP A 75 13.52 8.83 -24.35
C TRP A 75 14.10 8.84 -25.76
N ASN A 76 14.52 10.02 -26.22
CA ASN A 76 15.06 10.18 -27.58
C ASN A 76 16.54 9.74 -27.70
N ALA A 77 16.81 8.48 -27.37
CA ALA A 77 18.16 7.93 -27.47
C ALA A 77 18.72 8.17 -28.88
N PRO A 78 20.03 8.47 -29.00
CA PRO A 78 21.04 8.55 -27.95
C PRO A 78 21.12 9.90 -27.24
N LEU A 79 20.27 10.86 -27.64
CA LEU A 79 20.26 12.20 -27.05
C LEU A 79 19.76 12.16 -25.60
N SER A 80 19.68 13.30 -24.92
CA SER A 80 19.17 13.33 -23.55
C SER A 80 17.75 13.90 -23.47
N SER A 81 17.16 14.20 -24.62
CA SER A 81 15.81 14.75 -24.66
C SER A 81 14.75 13.65 -24.50
N VAL A 82 13.55 14.07 -24.11
CA VAL A 82 12.37 13.20 -24.08
C VAL A 82 11.27 13.83 -24.92
N SER A 83 10.33 13.01 -25.35
CA SER A 83 9.21 13.48 -26.15
C SER A 83 8.01 12.54 -25.93
N VAL A 84 6.90 12.82 -26.59
CA VAL A 84 5.87 11.81 -26.77
C VAL A 84 5.92 11.35 -28.22
N LYS A 85 5.90 10.03 -28.43
CA LYS A 85 6.02 9.46 -29.77
C LYS A 85 5.02 8.33 -29.95
N THR A 86 4.74 7.98 -31.19
CA THR A 86 3.98 6.77 -31.51
C THR A 86 4.61 5.57 -30.80
N ASP A 87 3.74 4.70 -30.28
CA ASP A 87 4.20 3.47 -29.63
C ASP A 87 4.67 2.47 -30.68
N THR A 88 5.99 2.26 -30.72
CA THR A 88 6.58 1.21 -31.56
C THR A 88 7.23 0.12 -30.71
N ASN A 89 6.86 0.08 -29.42
CA ASN A 89 7.40 -0.91 -28.46
C ASN A 89 8.93 -0.86 -28.32
N GLY A 90 9.51 0.34 -28.42
CA GLY A 90 10.95 0.51 -28.30
C GLY A 90 11.32 0.39 -26.83
N ASP A 91 12.48 -0.19 -26.54
CA ASP A 91 12.95 -0.28 -25.15
C ASP A 91 13.03 1.09 -24.49
N ASN A 92 13.27 2.12 -25.31
CA ASN A 92 13.37 3.50 -24.82
C ASN A 92 12.01 4.09 -24.44
N GLN A 93 10.94 3.33 -24.70
CA GLN A 93 9.58 3.76 -24.40
C GLN A 93 9.00 3.10 -23.15
N TYR A 94 9.82 2.33 -22.45
CA TYR A 94 9.43 1.73 -21.18
C TYR A 94 10.18 2.40 -20.06
N TRP A 95 9.53 2.47 -18.90
CA TRP A 95 10.09 3.15 -17.73
C TRP A 95 9.84 2.33 -16.48
N TYR A 96 10.87 2.17 -15.65
CA TYR A 96 10.64 1.63 -14.32
C TYR A 96 10.05 2.74 -13.47
N LEU A 97 9.03 2.43 -12.69
CA LEU A 97 8.49 3.39 -11.73
C LEU A 97 8.72 2.82 -10.35
N LEU A 98 9.66 3.39 -9.62
CA LEU A 98 10.08 2.85 -8.33
C LEU A 98 9.82 3.88 -7.26
N GLN A 99 9.07 3.48 -6.23
CA GLN A 99 8.59 4.41 -5.24
C GLN A 99 9.25 4.31 -3.89
N ASN A 100 9.48 5.48 -3.29
CA ASN A 100 9.85 5.60 -1.88
C ASN A 100 8.54 5.53 -1.10
N TYR A 101 8.39 4.47 -0.31
CA TYR A 101 7.14 4.24 0.41
C TYR A 101 6.73 5.39 1.34
N ILE A 102 7.71 5.98 2.02
CA ILE A 102 7.42 6.99 3.04
C ILE A 102 7.24 8.38 2.45
N SER A 103 8.18 8.80 1.60
CA SER A 103 8.12 10.14 1.02
C SER A 103 7.08 10.21 -0.10
N ARG A 104 6.75 9.07 -0.68
CA ARG A 104 5.82 8.92 -1.81
C ARG A 104 6.44 9.35 -3.14
N ASN A 105 7.69 9.80 -3.12
CA ASN A 105 8.40 10.17 -4.34
C ASN A 105 8.72 8.97 -5.24
N VAL A 106 8.65 9.19 -6.54
CA VAL A 106 8.87 8.16 -7.54
C VAL A 106 10.02 8.55 -8.45
N ILE A 107 10.94 7.62 -8.69
CA ILE A 107 11.95 7.78 -9.75
C ILE A 107 11.43 7.13 -11.03
N ILE A 108 11.57 7.84 -12.14
CA ILE A 108 11.12 7.37 -13.45
C ILE A 108 12.36 7.01 -14.26
N ARG A 109 12.68 5.72 -14.26
CA ARG A 109 13.99 5.24 -14.75
C ARG A 109 13.84 4.55 -16.09
N ASN A 110 14.64 4.94 -17.08
CA ASN A 110 14.47 4.35 -18.41
C ASN A 110 14.82 2.87 -18.47
N TYR A 111 14.01 2.10 -19.17
CA TYR A 111 14.22 0.66 -19.32
C TYR A 111 15.44 0.33 -20.21
N MET A 112 15.59 1.07 -21.30
CA MET A 112 16.68 0.79 -22.25
C MET A 112 18.02 1.07 -21.59
N ASN A 113 18.11 2.20 -20.88
CA ASN A 113 19.30 2.54 -20.13
C ASN A 113 18.96 2.93 -18.70
N PRO A 114 18.94 1.96 -17.78
CA PRO A 114 18.58 2.21 -16.39
C PRO A 114 19.59 3.04 -15.59
N ASN A 115 20.67 3.48 -16.24
CA ASN A 115 21.53 4.52 -15.67
C ASN A 115 20.88 5.90 -15.73
N LEU A 116 19.84 6.01 -16.56
CA LEU A 116 19.21 7.30 -16.82
C LEU A 116 17.82 7.36 -16.22
N VAL A 117 17.51 8.50 -15.60
CA VAL A 117 16.20 8.74 -15.03
C VAL A 117 15.66 10.05 -15.58
N LEU A 118 14.34 10.20 -15.56
CA LEU A 118 13.71 11.45 -15.95
C LEU A 118 14.07 12.55 -14.92
N GLN A 119 14.32 13.75 -15.42
CA GLN A 119 14.69 14.87 -14.59
C GLN A 119 13.88 16.07 -15.05
N TYR A 120 13.42 16.87 -14.09
CA TYR A 120 12.83 18.18 -14.41
C TYR A 120 13.80 19.30 -14.09
N ASN A 121 13.85 20.27 -15.00
CA ASN A 121 14.75 21.38 -14.88
C ASN A 121 14.05 22.62 -14.33
N ILE A 122 14.85 23.60 -13.91
CA ILE A 122 14.35 24.85 -13.38
C ILE A 122 13.42 25.57 -14.35
N ASP A 123 13.72 25.46 -15.65
CA ASP A 123 12.90 26.09 -16.69
C ASP A 123 11.66 25.27 -17.09
N ASP A 124 11.35 24.24 -16.29
CA ASP A 124 10.17 23.39 -16.49
C ASP A 124 10.28 22.37 -17.62
N THR A 125 11.42 22.34 -18.30
CA THR A 125 11.67 21.33 -19.32
C THR A 125 12.04 20.00 -18.65
N LEU A 126 11.97 18.94 -19.42
CA LEU A 126 12.32 17.61 -18.95
C LEU A 126 13.43 17.04 -19.81
N MET A 127 14.20 16.14 -19.22
CA MET A 127 15.26 15.44 -19.94
C MET A 127 15.57 14.16 -19.18
N VAL A 128 16.46 13.33 -19.73
CA VAL A 128 17.00 12.24 -18.91
C VAL A 128 18.41 12.56 -18.45
N SER A 129 18.81 11.95 -17.35
CA SER A 129 20.10 12.24 -16.74
C SER A 129 20.56 11.08 -15.89
N THR A 130 21.86 10.98 -15.62
CA THR A 130 22.33 10.02 -14.63
C THR A 130 21.83 10.43 -13.24
N GLN A 131 21.81 9.47 -12.32
CA GLN A 131 21.17 9.67 -11.02
C GLN A 131 21.99 10.45 -10.01
N THR A 132 21.35 11.44 -9.40
CA THR A 132 21.94 12.17 -8.28
C THR A 132 21.09 11.97 -7.02
N SER A 133 21.34 12.75 -5.99
CA SER A 133 20.50 12.72 -4.79
C SER A 133 19.51 13.86 -4.78
N SER A 134 19.41 14.57 -5.90
CA SER A 134 18.59 15.77 -5.95
C SER A 134 17.11 15.50 -6.19
N SER A 135 16.30 16.37 -5.62
CA SER A 135 14.86 16.28 -5.74
C SER A 135 14.37 16.53 -7.16
N ASN A 136 15.25 17.03 -8.04
CA ASN A 136 14.89 17.24 -9.45
C ASN A 136 14.72 15.93 -10.25
N GLN A 137 14.86 14.79 -9.56
CA GLN A 137 14.62 13.48 -10.17
C GLN A 137 13.51 12.72 -9.43
N PHE A 138 12.82 13.42 -8.54
CA PHE A 138 11.69 12.87 -7.80
C PHE A 138 10.37 13.43 -8.32
N PHE A 139 9.41 12.54 -8.53
CA PHE A 139 8.09 12.91 -9.01
C PHE A 139 7.02 12.36 -8.06
N LYS A 140 5.90 13.07 -7.99
CA LYS A 140 4.73 12.57 -7.29
C LYS A 140 3.62 12.23 -8.28
N PHE A 141 2.94 11.12 -8.02
CA PHE A 141 1.86 10.65 -8.86
C PHE A 141 0.54 10.84 -8.13
N SER A 142 -0.43 11.46 -8.80
CA SER A 142 -1.73 11.71 -8.18
C SER A 142 -2.80 11.13 -9.09
N ASN A 143 -3.51 10.12 -8.58
CA ASN A 143 -4.58 9.48 -9.33
C ASN A 143 -5.67 10.53 -9.65
N CYS A 144 -5.94 10.73 -10.94
CA CYS A 144 -6.85 11.81 -11.40
C CYS A 144 -8.27 11.68 -10.84
N ILE A 145 -8.81 10.47 -10.91
CA ILE A 145 -10.20 10.21 -10.54
C ILE A 145 -10.39 10.38 -9.03
N TYR A 146 -9.42 9.94 -8.25
CA TYR A 146 -9.47 10.13 -6.81
C TYR A 146 -9.47 11.62 -6.47
N GLU A 147 -8.59 12.37 -7.12
CA GLU A 147 -8.54 13.82 -6.93
C GLU A 147 -9.88 14.48 -7.25
N ALA A 148 -10.47 14.10 -8.37
CA ALA A 148 -11.70 14.76 -8.85
C ALA A 148 -12.96 14.35 -8.09
N LEU A 149 -13.08 13.06 -7.79
CA LEU A 149 -14.38 12.52 -7.38
C LEU A 149 -14.52 12.07 -5.93
N ASN A 150 -13.40 11.88 -5.22
CA ASN A 150 -13.53 11.31 -3.89
C ASN A 150 -14.30 12.23 -2.94
N ASN A 151 -15.22 11.62 -2.20
CA ASN A 151 -16.11 12.33 -1.28
C ASN A 151 -16.96 13.42 -1.95
N ARG A 152 -17.33 13.23 -3.21
CA ARG A 152 -18.16 14.23 -3.92
C ARG A 152 -19.54 13.67 -4.23
N ASN A 153 -20.54 14.55 -4.14
CA ASN A 153 -21.91 14.24 -4.56
C ASN A 153 -21.99 14.41 -6.07
N CYS A 154 -22.36 13.34 -6.79
CA CYS A 154 -22.28 13.31 -8.25
C CYS A 154 -23.52 12.76 -8.91
N LYS A 155 -23.66 13.05 -10.21
CA LYS A 155 -24.68 12.39 -11.00
C LYS A 155 -24.00 11.62 -12.10
N LEU A 156 -24.64 10.55 -12.55
CA LEU A 156 -24.03 9.65 -13.54
C LEU A 156 -25.00 9.47 -14.70
N GLN A 157 -24.59 9.97 -15.85
CA GLN A 157 -25.41 9.97 -17.06
C GLN A 157 -24.93 8.87 -17.98
N THR A 158 -25.85 8.11 -18.55
CA THR A 158 -25.46 7.14 -19.59
C THR A 158 -25.07 7.89 -20.86
N GLN A 159 -23.98 7.45 -21.49
CA GLN A 159 -23.58 7.96 -22.81
C GLN A 159 -24.69 7.79 -23.87
N LEU A 160 -25.63 6.87 -23.61
CA LEU A 160 -26.70 6.55 -24.55
C LEU A 160 -27.63 7.74 -24.81
N ASN A 161 -27.79 8.61 -23.79
CA ASN A 161 -28.73 9.74 -23.85
C ASN A 161 -28.35 10.84 -22.86
N SER A 162 -28.31 12.08 -23.35
CA SER A 162 -27.85 13.20 -22.53
C SER A 162 -28.72 13.52 -21.29
N ASP A 163 -29.94 12.98 -21.26
CA ASP A 163 -30.84 13.20 -20.12
C ASP A 163 -31.38 11.87 -19.56
N ARG A 164 -30.50 10.88 -19.38
CA ARG A 164 -30.87 9.66 -18.65
C ARG A 164 -29.76 9.37 -17.64
N PHE A 165 -30.16 9.27 -16.37
CA PHE A 165 -29.23 9.21 -15.23
C PHE A 165 -29.46 7.99 -14.35
N LEU A 166 -28.38 7.51 -13.74
CA LEU A 166 -28.41 6.42 -12.76
C LEU A 166 -29.31 6.84 -11.60
N SER A 167 -30.38 6.08 -11.37
CA SER A 167 -31.43 6.50 -10.43
C SER A 167 -31.98 5.32 -9.65
N LYS A 168 -32.14 5.49 -8.34
CA LYS A 168 -32.92 4.50 -7.58
C LYS A 168 -34.38 4.63 -8.02
N ASN A 169 -35.03 3.49 -8.27
CA ASN A 169 -36.43 3.49 -8.66
C ASN A 169 -37.30 3.94 -7.49
N LEU A 170 -38.47 4.49 -7.79
CA LEU A 170 -39.41 4.88 -6.76
C LEU A 170 -39.93 3.62 -6.07
N ASN A 171 -39.92 3.58 -4.73
CA ASN A 171 -40.53 2.43 -3.99
C ASN A 171 -39.99 1.02 -4.34
N SER A 172 -38.71 0.94 -4.68
CA SER A 172 -38.04 -0.34 -4.81
C SER A 172 -36.53 -0.04 -4.70
N GLN A 173 -35.71 -1.08 -4.57
CA GLN A 173 -34.26 -0.89 -4.44
C GLN A 173 -33.57 -0.95 -5.80
N ILE A 174 -34.33 -1.29 -6.83
CA ILE A 174 -33.77 -1.49 -8.17
C ILE A 174 -33.28 -0.17 -8.73
N ILE A 175 -32.11 -0.21 -9.38
CA ILE A 175 -31.51 1.00 -9.95
C ILE A 175 -31.79 1.02 -11.45
N VAL A 176 -32.24 2.15 -11.96
CA VAL A 176 -32.71 2.28 -13.35
C VAL A 176 -32.18 3.56 -13.98
N LEU A 177 -32.41 3.73 -15.28
CA LEU A 177 -32.24 5.03 -15.94
C LEU A 177 -33.48 5.89 -15.70
N TRP A 178 -33.26 7.17 -15.47
CA TRP A 178 -34.36 8.13 -15.38
C TRP A 178 -33.90 9.51 -15.81
N GLN A 179 -34.78 10.24 -16.48
CA GLN A 179 -34.49 11.65 -16.83
C GLN A 179 -34.19 12.46 -15.57
N TRP A 180 -33.50 13.59 -15.72
CA TRP A 180 -33.12 14.40 -14.56
C TRP A 180 -34.34 15.11 -13.98
N PHE A 181 -34.53 14.98 -12.68
CA PHE A 181 -35.56 15.77 -11.98
C PHE A 181 -35.03 16.25 -10.63
N ASP A 182 -33.70 16.40 -10.56
CA ASP A 182 -33.01 16.96 -9.40
C ASP A 182 -33.34 16.23 -8.09
N SER A 183 -33.49 14.92 -8.19
CA SER A 183 -33.90 14.06 -7.10
C SER A 183 -32.73 13.43 -6.36
N SER A 184 -32.88 13.27 -5.05
CA SER A 184 -31.89 12.59 -4.21
CA SER A 184 -31.87 12.60 -4.23
C SER A 184 -31.72 11.13 -4.62
N ARG A 185 -32.72 10.61 -5.34
CA ARG A 185 -32.61 9.25 -5.87
C ARG A 185 -31.63 9.18 -7.05
N GLN A 186 -31.18 10.34 -7.54
CA GLN A 186 -30.27 10.41 -8.68
C GLN A 186 -28.93 11.05 -8.32
N LYS A 187 -28.67 11.19 -7.03
CA LYS A 187 -27.44 11.80 -6.52
C LYS A 187 -26.67 10.76 -5.71
N TRP A 188 -25.38 10.64 -6.02
CA TRP A 188 -24.53 9.55 -5.54
C TRP A 188 -23.26 10.10 -4.92
N ILE A 189 -23.04 9.77 -3.66
CA ILE A 189 -21.82 10.17 -2.99
C ILE A 189 -20.77 9.12 -3.30
N ILE A 190 -19.69 9.56 -3.95
CA ILE A 190 -18.65 8.64 -4.38
C ILE A 190 -17.56 8.67 -3.32
N GLU A 191 -17.24 7.50 -2.76
CA GLU A 191 -16.28 7.42 -1.66
C GLU A 191 -15.29 6.28 -1.85
N TYR A 192 -14.00 6.61 -1.80
CA TYR A 192 -12.96 5.59 -1.89
C TYR A 192 -12.84 4.81 -0.60
N ASN A 193 -12.80 3.48 -0.71
CA ASN A 193 -12.63 2.61 0.43
C ASN A 193 -11.19 2.10 0.41
N GLU A 194 -10.41 2.47 1.43
CA GLU A 194 -8.98 2.12 1.49
C GLU A 194 -8.72 0.61 1.53
N THR A 195 -9.55 -0.11 2.28
CA THR A 195 -9.41 -1.56 2.43
C THR A 195 -9.57 -2.30 1.09
N LYS A 196 -10.60 -1.94 0.33
CA LYS A 196 -10.88 -2.59 -0.96
C LYS A 196 -10.15 -1.95 -2.14
N SER A 197 -9.59 -0.75 -1.91
CA SER A 197 -8.92 0.04 -2.95
C SER A 197 -9.84 0.29 -4.14
N ALA A 198 -11.08 0.65 -3.81
CA ALA A 198 -12.11 0.90 -4.83
C ALA A 198 -13.22 1.72 -4.21
N TYR A 199 -14.18 2.15 -5.03
CA TYR A 199 -15.21 3.09 -4.59
C TYR A 199 -16.55 2.45 -4.25
N THR A 200 -17.26 3.08 -3.33
CA THR A 200 -18.69 2.84 -3.19
C THR A 200 -19.42 4.09 -3.70
N LEU A 201 -20.69 3.91 -4.05
CA LEU A 201 -21.49 5.00 -4.53
C LEU A 201 -22.81 4.95 -3.77
N LYS A 202 -23.05 5.99 -2.97
CA LYS A 202 -24.16 5.98 -2.03
C LYS A 202 -25.30 6.85 -2.52
N CYS A 203 -26.47 6.23 -2.67
CA CYS A 203 -27.67 6.97 -3.06
C CYS A 203 -28.08 7.95 -1.95
N GLN A 204 -28.21 9.22 -2.31
CA GLN A 204 -28.53 10.28 -1.33
C GLN A 204 -29.88 10.04 -0.65
N GLU A 205 -30.85 9.51 -1.40
CA GLU A 205 -32.19 9.35 -0.86
C GLU A 205 -32.27 8.37 0.32
N ASN A 206 -31.66 7.21 0.18
CA ASN A 206 -31.83 6.17 1.19
C ASN A 206 -30.54 5.71 1.85
N ASN A 207 -29.44 6.39 1.54
CA ASN A 207 -28.16 6.10 2.18
C ASN A 207 -27.67 4.65 2.02
N ARG A 208 -28.10 4.00 0.93
CA ARG A 208 -27.68 2.66 0.57
C ARG A 208 -26.86 2.71 -0.73
N TYR A 209 -26.14 1.62 -1.03
CA TYR A 209 -25.02 1.69 -1.99
C TYR A 209 -25.26 0.92 -3.27
N LEU A 210 -24.78 1.47 -4.39
CA LEU A 210 -24.80 0.78 -5.68
C LEU A 210 -24.17 -0.60 -5.58
N THR A 211 -24.98 -1.65 -5.79
CA THR A 211 -24.52 -3.01 -5.52
C THR A 211 -25.00 -3.99 -6.57
N TRP A 212 -24.09 -4.84 -7.03
CA TRP A 212 -24.43 -5.95 -7.93
C TRP A 212 -25.17 -7.04 -7.15
N ILE A 213 -26.43 -7.28 -7.55
CA ILE A 213 -27.23 -8.38 -6.98
C ILE A 213 -27.09 -9.59 -7.91
N GLN A 214 -26.33 -10.57 -7.47
CA GLN A 214 -25.99 -11.71 -8.31
C GLN A 214 -27.13 -12.74 -8.38
N ASN A 215 -27.88 -12.68 -9.47
CA ASN A 215 -28.79 -13.73 -9.91
C ASN A 215 -28.86 -13.68 -11.44
N SER A 216 -29.78 -14.40 -12.06
CA SER A 216 -29.84 -14.43 -13.54
C SER A 216 -30.12 -13.06 -14.17
N ASN A 217 -30.72 -12.14 -13.40
CA ASN A 217 -31.00 -10.79 -13.91
C ASN A 217 -29.81 -9.85 -13.84
N ASN A 218 -28.95 -10.04 -12.83
CA ASN A 218 -27.76 -9.21 -12.64
C ASN A 218 -28.06 -7.71 -12.57
N TYR A 219 -29.18 -7.38 -11.94
CA TYR A 219 -29.51 -5.99 -11.67
C TYR A 219 -28.56 -5.40 -10.63
N VAL A 220 -28.38 -4.08 -10.70
CA VAL A 220 -27.82 -3.34 -9.58
C VAL A 220 -28.98 -2.77 -8.74
N GLU A 221 -28.77 -2.76 -7.42
CA GLU A 221 -29.77 -2.27 -6.47
C GLU A 221 -29.05 -1.44 -5.41
N THR A 222 -29.77 -0.55 -4.73
CA THR A 222 -29.22 0.05 -3.53
C THR A 222 -29.27 -1.02 -2.42
N TYR A 223 -28.15 -1.22 -1.74
CA TYR A 223 -28.04 -2.29 -0.75
C TYR A 223 -27.33 -1.78 0.49
N GLN A 224 -27.63 -2.37 1.65
CA GLN A 224 -26.96 -1.98 2.91
C GLN A 224 -25.46 -2.11 2.79
N SER A 225 -24.73 -1.37 3.62
CA SER A 225 -23.30 -1.52 3.71
C SER A 225 -22.91 -3.00 3.87
N THR A 226 -21.95 -3.44 3.05
CA THR A 226 -21.35 -4.77 3.14
C THR A 226 -19.86 -4.76 2.80
N ASP A 227 -19.13 -5.76 3.32
CA ASP A 227 -17.73 -5.97 2.95
C ASP A 227 -17.58 -6.80 1.67
N SER A 228 -18.69 -7.32 1.17
CA SER A 228 -18.69 -8.15 -0.03
C SER A 228 -18.32 -7.31 -1.26
N LEU A 229 -17.52 -7.88 -2.15
CA LEU A 229 -16.95 -7.15 -3.30
C LEU A 229 -17.99 -6.60 -4.28
N ILE A 230 -19.19 -7.19 -4.25
CA ILE A 230 -20.29 -6.74 -5.11
C ILE A 230 -20.66 -5.26 -4.97
N GLN A 231 -20.24 -4.64 -3.86
CA GLN A 231 -20.58 -3.24 -3.56
C GLN A 231 -19.47 -2.26 -3.95
N TYR A 232 -18.38 -2.78 -4.52
CA TYR A 232 -17.19 -1.95 -4.77
C TYR A 232 -16.85 -1.87 -6.24
N TRP A 233 -16.41 -0.69 -6.66
CA TRP A 233 -16.28 -0.38 -8.09
C TRP A 233 -14.96 0.31 -8.40
N ASN A 234 -14.27 -0.21 -9.43
CA ASN A 234 -13.12 0.50 -9.99
CA ASN A 234 -13.14 0.48 -10.00
C ASN A 234 -13.65 1.48 -11.03
N ILE A 235 -13.65 2.76 -10.65
CA ILE A 235 -14.10 3.83 -11.55
C ILE A 235 -12.89 4.23 -12.37
N ASN A 236 -12.98 4.06 -13.69
CA ASN A 236 -11.86 4.37 -14.59
C ASN A 236 -12.33 5.19 -15.77
N TYR A 237 -11.42 5.91 -16.43
CA TYR A 237 -11.76 6.51 -17.71
C TYR A 237 -11.80 5.42 -18.76
N LEU A 238 -12.57 5.66 -19.82
CA LEU A 238 -12.49 4.82 -21.01
C LEU A 238 -11.00 4.75 -21.41
N ASP A 239 -10.58 3.64 -21.99
CA ASP A 239 -9.16 3.38 -22.26
C ASP A 239 -8.46 4.59 -22.89
N ASN A 240 -9.07 5.17 -23.92
CA ASN A 240 -8.49 6.32 -24.60
C ASN A 240 -9.39 7.54 -24.66
N ASP A 241 -10.23 7.71 -23.63
CA ASP A 241 -11.10 8.89 -23.56
C ASP A 241 -11.31 9.29 -22.11
N ALA A 242 -10.68 10.39 -21.68
CA ALA A 242 -10.78 10.85 -20.29
C ALA A 242 -12.10 11.58 -19.99
N SER A 243 -12.95 11.75 -21.01
CA SER A 243 -14.22 12.45 -20.82
C SER A 243 -15.36 11.51 -20.44
N LYS A 244 -15.10 10.21 -20.47
CA LYS A 244 -16.10 9.19 -20.17
C LYS A 244 -15.53 8.12 -19.24
N TYR A 245 -16.42 7.45 -18.52
CA TYR A 245 -16.07 6.48 -17.47
C TYR A 245 -16.64 5.09 -17.71
N ILE A 246 -15.89 4.09 -17.22
CA ILE A 246 -16.35 2.71 -17.10
C ILE A 246 -16.28 2.34 -15.62
N LEU A 247 -17.27 1.59 -15.13
CA LEU A 247 -17.25 1.19 -13.71
C LEU A 247 -17.22 -0.33 -13.61
N TYR A 248 -16.07 -0.87 -13.22
CA TYR A 248 -15.86 -2.31 -13.15
C TYR A 248 -16.21 -2.76 -11.74
N ASN A 249 -17.00 -3.83 -11.62
CA ASN A 249 -17.34 -4.34 -10.29
C ASN A 249 -16.25 -5.26 -9.74
N LEU A 250 -15.91 -5.12 -8.45
CA LEU A 250 -14.80 -5.88 -7.85
C LEU A 250 -15.07 -7.38 -7.68
N GLN A 251 -16.34 -7.76 -7.62
CA GLN A 251 -16.69 -9.19 -7.55
C GLN A 251 -16.20 -9.95 -8.79
N ASP A 252 -16.26 -9.28 -9.94
CA ASP A 252 -15.79 -9.82 -11.19
C ASP A 252 -15.42 -8.61 -12.03
N THR A 253 -14.14 -8.28 -12.04
CA THR A 253 -13.67 -7.05 -12.70
C THR A 253 -13.72 -7.15 -14.23
N ASN A 254 -14.19 -8.29 -14.74
CA ASN A 254 -14.48 -8.38 -16.18
C ASN A 254 -15.91 -7.90 -16.47
N ARG A 255 -16.65 -7.53 -15.42
CA ARG A 255 -18.05 -7.10 -15.51
C ARG A 255 -18.20 -5.65 -15.09
N VAL A 256 -19.11 -4.94 -15.77
CA VAL A 256 -19.19 -3.50 -15.63
C VAL A 256 -20.63 -3.00 -15.58
N LEU A 257 -20.81 -1.78 -15.07
CA LEU A 257 -22.11 -1.13 -15.03
C LEU A 257 -22.61 -0.89 -16.46
N ASP A 258 -23.83 -1.36 -16.75
CA ASP A 258 -24.32 -1.50 -18.12
C ASP A 258 -25.81 -1.19 -18.15
N VAL A 259 -26.30 -0.81 -19.31
CA VAL A 259 -27.71 -0.48 -19.48
C VAL A 259 -28.36 -1.64 -20.24
N TYR A 260 -29.42 -2.21 -19.64
CA TYR A 260 -30.12 -3.37 -20.18
C TYR A 260 -30.61 -3.14 -21.62
N ASN A 261 -30.17 -4.01 -22.53
CA ASN A 261 -30.52 -3.95 -23.96
C ASN A 261 -30.24 -2.57 -24.61
N SER A 262 -29.36 -1.76 -24.00
CA SER A 262 -29.10 -0.38 -24.44
C SER A 262 -30.34 0.47 -24.62
N GLN A 263 -31.39 0.18 -23.86
CA GLN A 263 -32.62 0.96 -23.93
C GLN A 263 -32.45 2.28 -23.17
N ILE A 264 -33.17 3.31 -23.61
CA ILE A 264 -33.05 4.62 -22.98
C ILE A 264 -34.31 5.06 -22.21
N ALA A 265 -35.36 4.26 -22.27
CA ALA A 265 -36.63 4.64 -21.63
C ALA A 265 -36.48 4.80 -20.12
N ASN A 266 -37.18 5.79 -19.56
CA ASN A 266 -37.30 5.87 -18.10
C ASN A 266 -37.67 4.49 -17.53
N GLY A 267 -36.93 4.05 -16.53
CA GLY A 267 -37.17 2.77 -15.88
C GLY A 267 -36.33 1.61 -16.38
N THR A 268 -35.54 1.84 -17.44
CA THR A 268 -34.67 0.80 -17.99
C THR A 268 -33.71 0.29 -16.90
N HIS A 269 -33.67 -1.03 -16.71
CA HIS A 269 -32.79 -1.65 -15.71
C HIS A 269 -31.33 -1.32 -16.01
N VAL A 270 -30.59 -1.00 -14.95
CA VAL A 270 -29.15 -0.96 -15.02
C VAL A 270 -28.65 -2.30 -14.46
N ILE A 271 -27.58 -2.81 -15.05
CA ILE A 271 -27.12 -4.17 -14.78
C ILE A 271 -25.59 -4.21 -14.69
N VAL A 272 -25.05 -5.39 -14.39
CA VAL A 272 -23.64 -5.65 -14.53
C VAL A 272 -23.49 -6.72 -15.59
N ASP A 273 -22.68 -6.43 -16.61
CA ASP A 273 -22.49 -7.38 -17.72
C ASP A 273 -21.05 -7.36 -18.21
N SER A 274 -20.66 -8.37 -18.98
CA SER A 274 -19.30 -8.49 -19.48
C SER A 274 -18.87 -7.26 -20.23
N TYR A 275 -17.65 -6.81 -19.93
CA TYR A 275 -17.07 -5.66 -20.60
C TYR A 275 -16.99 -5.85 -22.11
N HIS A 276 -17.44 -4.84 -22.85
CA HIS A 276 -17.14 -4.71 -24.28
C HIS A 276 -16.76 -3.28 -24.62
N GLY A 277 -17.24 -2.34 -23.80
CA GLY A 277 -16.81 -0.94 -23.92
C GLY A 277 -17.61 -0.11 -24.89
N ASN A 278 -18.76 -0.62 -25.33
CA ASN A 278 -19.71 0.14 -26.14
C ASN A 278 -20.38 1.24 -25.31
N THR A 279 -21.16 2.09 -25.96
CA THR A 279 -21.72 3.28 -25.31
C THR A 279 -22.69 2.98 -24.15
N ASN A 280 -23.35 1.83 -24.20
CA ASN A 280 -24.20 1.35 -23.10
C ASN A 280 -23.45 1.09 -21.79
N GLN A 281 -22.12 0.97 -21.89
CA GLN A 281 -21.25 0.80 -20.71
C GLN A 281 -20.47 2.06 -20.32
N GLN A 282 -20.72 3.14 -21.05
CA GLN A 282 -20.02 4.41 -20.81
C GLN A 282 -20.88 5.38 -20.00
N TRP A 283 -20.27 6.05 -19.03
CA TRP A 283 -20.98 6.93 -18.11
C TRP A 283 -20.30 8.29 -18.02
N ILE A 284 -21.11 9.35 -17.97
CA ILE A 284 -20.60 10.71 -17.80
C ILE A 284 -20.84 11.08 -16.34
N ILE A 285 -19.76 11.26 -15.57
CA ILE A 285 -19.89 11.58 -14.15
C ILE A 285 -19.61 13.06 -13.95
N ASN A 286 -20.55 13.76 -13.32
CA ASN A 286 -20.37 15.17 -12.97
C ASN A 286 -20.70 15.44 -11.52
N LEU A 287 -19.99 16.40 -10.95
CA LEU A 287 -20.31 16.88 -9.61
C LEU A 287 -21.62 17.65 -9.67
N ILE A 288 -22.49 17.37 -8.71
CA ILE A 288 -23.72 18.13 -8.48
C ILE A 288 -23.38 19.60 -8.23
N SER B 4 -3.89 -12.84 -0.74
CA SER B 4 -3.01 -12.58 -1.91
C SER B 4 -2.24 -11.27 -1.72
N GLN B 5 -2.95 -10.15 -1.68
CA GLN B 5 -2.35 -8.82 -1.53
C GLN B 5 -2.45 -8.33 -0.08
N THR B 6 -1.43 -7.62 0.38
CA THR B 6 -1.40 -7.06 1.74
C THR B 6 -0.51 -5.81 1.77
N ASN B 7 -0.83 -4.88 2.67
CA ASN B 7 0.10 -3.79 2.96
C ASN B 7 1.01 -4.09 4.17
N ALA B 8 0.93 -5.31 4.69
CA ALA B 8 1.76 -5.67 5.86
C ALA B 8 3.26 -5.71 5.57
N ASN B 9 3.63 -5.85 4.30
CA ASN B 9 5.05 -5.91 3.93
C ASN B 9 5.62 -4.60 3.41
N ASP B 10 4.83 -3.53 3.53
CA ASP B 10 5.26 -2.21 3.09
C ASP B 10 6.51 -1.74 3.86
N LEU B 11 7.33 -0.93 3.19
CA LEU B 11 8.66 -0.55 3.71
C LEU B 11 8.57 0.55 4.78
N ARG B 12 7.85 0.24 5.85
CA ARG B 12 7.62 1.14 6.98
C ARG B 12 8.84 1.33 7.86
N ASN B 13 9.04 2.55 8.34
CA ASN B 13 10.10 2.83 9.31
C ASN B 13 9.94 1.91 10.52
N ASN B 14 11.06 1.36 10.99
CA ASN B 14 11.14 0.53 12.21
C ASN B 14 10.53 -0.87 12.13
N GLU B 15 9.95 -1.22 10.97
CA GLU B 15 9.53 -2.61 10.78
C GLU B 15 10.73 -3.53 10.46
N VAL B 16 10.55 -4.82 10.72
CA VAL B 16 11.62 -5.82 10.62
C VAL B 16 11.32 -6.85 9.53
N PHE B 17 12.32 -7.17 8.72
CA PHE B 17 12.10 -7.94 7.48
C PHE B 17 13.09 -9.06 7.23
N PHE B 18 12.64 -10.11 6.54
CA PHE B 18 13.51 -10.99 5.81
C PHE B 18 13.74 -10.32 4.46
N ILE B 19 15.00 -10.29 4.02
CA ILE B 19 15.35 -9.73 2.70
C ILE B 19 15.86 -10.87 1.82
N SER B 20 15.12 -11.17 0.74
CA SER B 20 15.41 -12.33 -0.08
C SER B 20 15.58 -11.96 -1.55
N PRO B 21 16.28 -12.81 -2.32
CA PRO B 21 16.25 -12.60 -3.78
C PRO B 21 14.80 -12.66 -4.24
N SER B 22 14.45 -11.87 -5.25
CA SER B 22 13.06 -11.80 -5.73
C SER B 22 12.50 -13.16 -6.11
N ASN B 23 13.35 -14.02 -6.62
CA ASN B 23 12.89 -15.30 -7.15
C ASN B 23 13.02 -16.50 -6.21
N ASN B 24 13.58 -16.28 -5.02
CA ASN B 24 13.64 -17.34 -4.01
C ASN B 24 13.41 -16.81 -2.59
N THR B 25 12.17 -16.92 -2.13
CA THR B 25 11.78 -16.48 -0.80
C THR B 25 12.46 -17.31 0.34
N ASN B 26 12.95 -18.51 0.00
CA ASN B 26 13.60 -19.40 0.97
C ASN B 26 15.08 -19.09 1.25
N LYS B 27 15.66 -18.16 0.49
CA LYS B 27 17.01 -17.68 0.75
C LYS B 27 16.92 -16.26 1.29
N VAL B 28 17.64 -15.98 2.38
CA VAL B 28 17.52 -14.67 3.04
C VAL B 28 18.88 -14.10 3.39
N LEU B 29 18.96 -12.77 3.45
CA LEU B 29 20.14 -12.07 3.93
C LEU B 29 20.43 -12.52 5.37
N ASP B 30 21.67 -12.92 5.64
CA ASP B 30 22.00 -13.58 6.89
C ASP B 30 23.37 -13.08 7.33
N LYS B 31 23.44 -12.56 8.56
CA LYS B 31 24.72 -12.22 9.18
C LYS B 31 25.37 -13.50 9.65
N ILE B 32 26.40 -13.95 8.92
CA ILE B 32 26.99 -15.28 9.16
C ILE B 32 28.23 -15.22 10.06
N SER B 33 28.69 -14.02 10.36
CA SER B 33 29.87 -13.87 11.19
C SER B 33 29.83 -12.51 11.88
N GLN B 34 30.91 -12.14 12.55
CA GLN B 34 31.00 -10.83 13.18
C GLN B 34 30.86 -9.70 12.16
N SER B 35 31.21 -9.98 10.90
CA SER B 35 31.26 -8.93 9.87
C SER B 35 30.64 -9.27 8.51
N GLU B 36 30.39 -10.56 8.23
CA GLU B 36 29.97 -10.98 6.90
C GLU B 36 28.48 -11.25 6.78
N VAL B 37 27.93 -10.91 5.62
CA VAL B 37 26.55 -11.26 5.27
C VAL B 37 26.57 -12.11 3.99
N LYS B 38 25.79 -13.18 3.97
CA LYS B 38 25.58 -13.99 2.77
C LYS B 38 24.11 -14.33 2.67
N LEU B 39 23.66 -14.80 1.53
CA LEU B 39 22.35 -15.45 1.49
C LEU B 39 22.46 -16.81 2.16
N TRP B 40 21.40 -17.21 2.85
CA TRP B 40 21.34 -18.49 3.56
C TRP B 40 19.91 -19.02 3.53
N ASN B 41 19.76 -20.35 3.64
CA ASN B 41 18.42 -20.94 3.86
C ASN B 41 17.71 -20.24 5.00
N LYS B 42 16.43 -19.94 4.80
CA LYS B 42 15.62 -19.31 5.83
C LYS B 42 15.49 -20.22 7.05
N LEU B 43 15.81 -19.67 8.22
CA LEU B 43 15.71 -20.36 9.50
C LEU B 43 14.97 -19.51 10.53
N SER B 44 14.54 -18.32 10.09
CA SER B 44 13.87 -17.33 10.96
C SER B 44 14.58 -17.04 12.33
N GLY B 45 15.89 -17.23 12.38
CA GLY B 45 16.72 -16.81 13.53
C GLY B 45 16.99 -15.31 13.42
N ALA B 46 17.38 -14.65 14.52
CA ALA B 46 17.49 -13.18 14.55
C ALA B 46 18.58 -12.56 13.65
N ASN B 47 19.62 -13.33 13.34
CA ASN B 47 20.65 -12.88 12.41
C ASN B 47 20.17 -12.85 10.96
N GLN B 48 18.90 -13.23 10.73
CA GLN B 48 18.28 -13.13 9.41
C GLN B 48 17.20 -12.04 9.36
N LYS B 49 17.12 -11.25 10.41
CA LYS B 49 16.04 -10.26 10.52
C LYS B 49 16.61 -8.86 10.53
N TRP B 50 16.01 -7.97 9.75
CA TRP B 50 16.60 -6.65 9.48
C TRP B 50 15.61 -5.54 9.71
N ARG B 51 15.96 -4.61 10.61
CA ARG B 51 15.09 -3.46 10.88
C ARG B 51 15.44 -2.28 9.96
N LEU B 52 14.42 -1.66 9.38
CA LEU B 52 14.56 -0.45 8.58
C LEU B 52 14.56 0.79 9.46
N ILE B 53 15.57 1.63 9.32
CA ILE B 53 15.67 2.86 10.10
C ILE B 53 15.74 4.00 9.12
N TYR B 54 14.61 4.69 8.91
CA TYR B 54 14.49 5.73 7.88
C TYR B 54 15.09 7.05 8.34
N ASP B 55 15.74 7.76 7.42
CA ASP B 55 16.22 9.12 7.63
C ASP B 55 15.41 10.04 6.72
N THR B 56 14.64 10.94 7.33
CA THR B 56 13.72 11.79 6.56
C THR B 56 14.44 12.78 5.63
N ASN B 57 15.61 13.27 6.06
CA ASN B 57 16.42 14.22 5.29
C ASN B 57 17.05 13.59 4.06
N LYS B 58 17.68 12.42 4.26
CA LYS B 58 18.29 11.67 3.17
C LYS B 58 17.27 10.93 2.31
N GLN B 59 16.09 10.67 2.87
CA GLN B 59 15.07 9.84 2.23
C GLN B 59 15.65 8.47 1.90
N ALA B 60 16.47 7.98 2.83
CA ALA B 60 17.14 6.68 2.70
C ALA B 60 17.10 5.97 4.04
N TYR B 61 17.48 4.70 4.04
CA TYR B 61 17.35 3.89 5.24
C TYR B 61 18.66 3.27 5.63
N LYS B 62 18.86 3.08 6.94
CA LYS B 62 19.82 2.11 7.45
C LYS B 62 19.10 0.76 7.59
N ILE B 63 19.85 -0.33 7.49
CA ILE B 63 19.29 -1.68 7.54
C ILE B 63 20.03 -2.44 8.65
N LYS B 64 19.36 -2.58 9.79
CA LYS B 64 20.01 -3.01 11.03
C LYS B 64 19.71 -4.47 11.39
N VAL B 65 20.75 -5.29 11.55
CA VAL B 65 20.56 -6.69 11.97
C VAL B 65 19.93 -6.73 13.36
N MET B 66 19.16 -7.78 13.65
CA MET B 66 18.38 -7.84 14.88
C MET B 66 18.86 -8.91 15.85
N ASP B 67 20.12 -9.31 15.72
CA ASP B 67 20.66 -10.38 16.57
C ASP B 67 21.28 -9.84 17.87
N ASN B 68 21.06 -8.56 18.16
CA ASN B 68 21.56 -7.83 19.36
C ASN B 68 22.94 -7.17 19.18
N THR B 69 23.59 -7.34 18.03
CA THR B 69 24.86 -6.68 17.74
C THR B 69 24.71 -5.23 17.23
N SER B 70 23.50 -4.87 16.78
CA SER B 70 23.23 -3.51 16.28
C SER B 70 24.02 -3.10 15.04
N LEU B 71 24.69 -4.05 14.40
CA LEU B 71 25.44 -3.73 13.20
C LEU B 71 24.51 -3.44 12.04
N ILE B 72 24.98 -2.67 11.06
CA ILE B 72 24.13 -2.28 9.93
C ILE B 72 24.76 -2.64 8.58
N LEU B 73 23.91 -2.90 7.59
CA LEU B 73 24.37 -3.27 6.26
C LEU B 73 25.18 -2.12 5.64
N THR B 74 26.40 -2.43 5.26
CA THR B 74 27.38 -1.41 4.85
C THR B 74 28.04 -1.81 3.55
N TRP B 75 28.08 -0.88 2.60
CA TRP B 75 28.93 -1.03 1.42
C TRP B 75 30.39 -0.73 1.78
N ASN B 76 31.27 -1.68 1.53
CA ASN B 76 32.71 -1.54 1.85
C ASN B 76 33.47 -0.72 0.83
N ALA B 77 32.93 0.45 0.46
CA ALA B 77 33.60 1.34 -0.49
C ALA B 77 35.08 1.51 -0.12
N PRO B 78 35.97 1.48 -1.12
CA PRO B 78 35.72 1.41 -2.57
C PRO B 78 35.60 0.00 -3.15
N LEU B 79 35.67 -1.03 -2.32
CA LEU B 79 35.44 -2.42 -2.76
C LEU B 79 33.98 -2.62 -3.16
N SER B 80 33.70 -3.69 -3.91
CA SER B 80 32.32 -4.02 -4.30
C SER B 80 31.59 -4.81 -3.22
N SER B 81 32.31 -5.21 -2.18
CA SER B 81 31.76 -6.09 -1.15
C SER B 81 30.85 -5.32 -0.19
N VAL B 82 30.00 -6.06 0.51
CA VAL B 82 29.17 -5.51 1.56
C VAL B 82 29.45 -6.26 2.86
N SER B 83 29.14 -5.62 3.98
CA SER B 83 29.37 -6.21 5.29
C SER B 83 28.36 -5.67 6.28
N VAL B 84 28.38 -6.20 7.50
CA VAL B 84 27.76 -5.51 8.61
C VAL B 84 28.85 -4.87 9.44
N LYS B 85 28.65 -3.59 9.76
CA LYS B 85 29.61 -2.81 10.53
C LYS B 85 28.91 -1.92 11.54
N THR B 86 29.68 -1.37 12.49
CA THR B 86 29.14 -0.39 13.43
C THR B 86 28.51 0.77 12.68
N ASP B 87 27.39 1.26 13.22
CA ASP B 87 26.76 2.46 12.69
C ASP B 87 27.58 3.69 13.05
N THR B 88 28.26 4.25 12.06
CA THR B 88 28.98 5.51 12.22
C THR B 88 28.34 6.59 11.34
N ASN B 89 27.09 6.34 10.94
CA ASN B 89 26.31 7.26 10.13
C ASN B 89 27.00 7.63 8.78
N GLY B 90 27.68 6.66 8.18
CA GLY B 90 28.34 6.87 6.89
C GLY B 90 27.37 6.85 5.73
N ASP B 91 27.65 7.65 4.70
CA ASP B 91 26.83 7.64 3.48
C ASP B 91 26.75 6.24 2.88
N ASN B 92 27.83 5.47 3.03
CA ASN B 92 27.91 4.11 2.52
C ASN B 92 27.02 3.12 3.28
N GLN B 93 26.46 3.59 4.40
CA GLN B 93 25.60 2.77 5.26
C GLN B 93 24.12 3.10 5.08
N TYR B 94 23.82 3.98 4.12
CA TYR B 94 22.44 4.32 3.82
C TYR B 94 22.05 3.77 2.47
N TRP B 95 20.76 3.44 2.33
CA TRP B 95 20.25 2.79 1.13
C TRP B 95 18.89 3.33 0.76
N TYR B 96 18.72 3.67 -0.52
CA TYR B 96 17.39 3.98 -1.03
C TYR B 96 16.69 2.64 -1.26
N LEU B 97 15.48 2.50 -0.73
CA LEU B 97 14.68 1.30 -0.98
C LEU B 97 13.51 1.71 -1.85
N LEU B 98 13.58 1.35 -3.13
CA LEU B 98 12.65 1.83 -4.13
C LEU B 98 11.84 0.64 -4.58
N GLN B 99 10.52 0.72 -4.43
CA GLN B 99 9.67 -0.43 -4.67
C GLN B 99 8.86 -0.37 -5.94
N ASN B 100 8.82 -1.49 -6.65
CA ASN B 100 7.90 -1.68 -7.76
C ASN B 100 6.58 -2.10 -7.13
N TYR B 101 5.54 -1.28 -7.30
CA TYR B 101 4.29 -1.52 -6.61
C TYR B 101 3.66 -2.87 -6.97
N ILE B 102 3.79 -3.25 -8.24
CA ILE B 102 3.12 -4.44 -8.78
C ILE B 102 3.87 -5.74 -8.50
N SER B 103 5.15 -5.79 -8.85
CA SER B 103 5.96 -6.99 -8.62
C SER B 103 6.30 -7.18 -7.14
N ARG B 104 6.22 -6.08 -6.38
CA ARG B 104 6.64 -5.97 -4.96
C ARG B 104 8.15 -6.00 -4.81
N ASN B 105 8.88 -6.12 -5.93
CA ASN B 105 10.35 -6.18 -5.88
C ASN B 105 10.96 -4.85 -5.51
N VAL B 106 12.08 -4.92 -4.78
CA VAL B 106 12.77 -3.73 -4.30
C VAL B 106 14.19 -3.72 -4.83
N ILE B 107 14.61 -2.55 -5.31
CA ILE B 107 15.99 -2.30 -5.61
C ILE B 107 16.61 -1.62 -4.39
N ILE B 108 17.76 -2.12 -3.98
CA ILE B 108 18.46 -1.61 -2.82
C ILE B 108 19.67 -0.85 -3.35
N ARG B 109 19.48 0.46 -3.47
CA ARG B 109 20.44 1.33 -4.13
C ARG B 109 21.25 2.07 -3.08
N ASN B 110 22.56 2.10 -3.24
CA ASN B 110 23.37 2.75 -2.23
C ASN B 110 23.24 4.28 -2.23
N TYR B 111 23.18 4.87 -1.05
CA TYR B 111 23.08 6.32 -0.92
C TYR B 111 24.39 7.05 -1.30
N MET B 112 25.54 6.49 -0.92
CA MET B 112 26.82 7.14 -1.21
C MET B 112 27.08 7.19 -2.71
N ASN B 113 26.74 6.11 -3.41
CA ASN B 113 26.84 6.08 -4.87
C ASN B 113 25.60 5.41 -5.47
N PRO B 114 24.59 6.22 -5.84
CA PRO B 114 23.34 5.66 -6.36
C PRO B 114 23.43 5.07 -7.78
N ASN B 115 24.61 5.06 -8.38
CA ASN B 115 24.83 4.25 -9.57
C ASN B 115 24.97 2.77 -9.23
N LEU B 116 25.11 2.47 -7.94
CA LEU B 116 25.36 1.10 -7.51
C LEU B 116 24.19 0.52 -6.72
N VAL B 117 23.82 -0.70 -7.06
CA VAL B 117 22.74 -1.39 -6.36
C VAL B 117 23.22 -2.72 -5.80
N LEU B 118 22.56 -3.18 -4.75
CA LEU B 118 22.86 -4.49 -4.18
C LEU B 118 22.49 -5.56 -5.19
N GLN B 119 23.30 -6.61 -5.22
CA GLN B 119 23.16 -7.71 -6.15
C GLN B 119 23.58 -8.97 -5.44
N TYR B 120 22.85 -10.06 -5.66
CA TYR B 120 23.25 -11.35 -5.12
C TYR B 120 23.91 -12.18 -6.21
N ASN B 121 24.95 -12.92 -5.81
CA ASN B 121 25.72 -13.74 -6.74
C ASN B 121 25.40 -15.23 -6.61
N ILE B 122 25.87 -16.02 -7.58
CA ILE B 122 25.63 -17.46 -7.60
C ILE B 122 26.17 -18.20 -6.37
N ASP B 123 27.23 -17.67 -5.76
CA ASP B 123 27.82 -18.31 -4.59
C ASP B 123 27.18 -17.84 -3.26
N ASP B 124 26.05 -17.15 -3.36
CA ASP B 124 25.31 -16.63 -2.19
C ASP B 124 25.94 -15.38 -1.55
N THR B 125 27.02 -14.88 -2.12
CA THR B 125 27.60 -13.62 -1.63
C THR B 125 26.83 -12.47 -2.23
N LEU B 126 26.99 -11.29 -1.64
CA LEU B 126 26.36 -10.10 -2.17
C LEU B 126 27.43 -9.09 -2.54
N MET B 127 27.06 -8.12 -3.35
CA MET B 127 27.96 -7.04 -3.78
C MET B 127 27.10 -5.86 -4.22
N VAL B 128 27.74 -4.71 -4.46
CA VAL B 128 27.08 -3.63 -5.19
C VAL B 128 27.59 -3.57 -6.64
N SER B 129 26.72 -3.17 -7.56
CA SER B 129 27.05 -3.21 -8.99
C SER B 129 26.18 -2.21 -9.73
N THR B 130 26.62 -1.79 -10.92
CA THR B 130 25.82 -0.89 -11.76
C THR B 130 24.50 -1.55 -12.16
N GLN B 131 23.45 -0.74 -12.32
CA GLN B 131 22.11 -1.25 -12.55
C GLN B 131 21.89 -1.84 -13.93
N THR B 132 21.26 -3.01 -13.95
CA THR B 132 20.86 -3.70 -15.17
C THR B 132 19.35 -3.97 -15.12
N SER B 133 18.87 -4.84 -16.01
CA SER B 133 17.46 -5.23 -16.01
C SER B 133 17.26 -6.59 -15.36
N SER B 134 18.33 -7.14 -14.80
CA SER B 134 18.35 -8.53 -14.35
C SER B 134 17.72 -8.71 -12.97
N SER B 135 17.19 -9.92 -12.73
CA SER B 135 16.53 -10.23 -11.47
C SER B 135 17.49 -10.40 -10.28
N ASN B 136 18.80 -10.51 -10.55
CA ASN B 136 19.79 -10.60 -9.47
C ASN B 136 20.01 -9.28 -8.70
N GLN B 137 19.27 -8.25 -9.09
CA GLN B 137 19.25 -6.97 -8.37
C GLN B 137 17.88 -6.67 -7.77
N PHE B 138 16.94 -7.62 -7.91
CA PHE B 138 15.61 -7.50 -7.34
C PHE B 138 15.50 -8.31 -6.05
N PHE B 139 15.02 -7.65 -5.00
CA PHE B 139 14.84 -8.27 -3.69
C PHE B 139 13.40 -8.17 -3.21
N LYS B 140 12.96 -9.15 -2.44
CA LYS B 140 11.66 -9.04 -1.75
C LYS B 140 11.86 -8.87 -0.25
N PHE B 141 11.01 -8.06 0.35
CA PHE B 141 11.03 -7.76 1.79
C PHE B 141 9.78 -8.35 2.40
N SER B 142 9.95 -9.29 3.35
CA SER B 142 8.84 -9.97 3.98
C SER B 142 8.85 -9.60 5.45
N ASN B 143 7.81 -8.91 5.90
CA ASN B 143 7.70 -8.53 7.31
C ASN B 143 7.65 -9.80 8.19
N CYS B 144 8.60 -9.92 9.11
CA CYS B 144 8.80 -11.18 9.86
C CYS B 144 7.60 -11.53 10.73
N ILE B 145 7.07 -10.52 11.41
CA ILE B 145 5.98 -10.69 12.38
C ILE B 145 4.69 -11.08 11.66
N TYR B 146 4.45 -10.47 10.50
CA TYR B 146 3.28 -10.80 9.69
C TYR B 146 3.36 -12.25 9.27
N GLU B 147 4.53 -12.66 8.79
CA GLU B 147 4.74 -14.04 8.32
C GLU B 147 4.52 -15.05 9.45
N ALA B 148 5.07 -14.75 10.62
CA ALA B 148 5.02 -15.69 11.75
C ALA B 148 3.65 -15.73 12.41
N LEU B 149 3.04 -14.56 12.62
CA LEU B 149 1.89 -14.47 13.53
C LEU B 149 0.53 -14.31 12.89
N ASN B 150 0.46 -13.87 11.63
CA ASN B 150 -0.86 -13.52 11.10
C ASN B 150 -1.81 -14.71 11.05
N ASN B 151 -3.04 -14.47 11.52
CA ASN B 151 -4.09 -15.50 11.56
C ASN B 151 -3.75 -16.72 12.42
N ARG B 152 -2.82 -16.56 13.38
CA ARG B 152 -2.38 -17.66 14.23
C ARG B 152 -2.96 -17.55 15.63
N ASN B 153 -3.30 -18.71 16.18
CA ASN B 153 -3.72 -18.84 17.57
C ASN B 153 -2.47 -18.81 18.44
N CYS B 154 -2.35 -17.80 19.30
CA CYS B 154 -1.14 -17.57 20.09
C CYS B 154 -1.38 -17.43 21.59
N LYS B 155 -0.30 -17.63 22.35
CA LYS B 155 -0.27 -17.28 23.76
C LYS B 155 0.76 -16.18 23.95
N LEU B 156 0.53 -15.32 24.94
CA LEU B 156 1.41 -14.19 25.18
C LEU B 156 1.84 -14.22 26.64
N GLN B 157 3.13 -14.31 26.86
CA GLN B 157 3.59 -14.32 28.24
C GLN B 157 4.54 -13.21 28.55
N THR B 158 4.52 -12.77 29.80
CA THR B 158 5.39 -11.71 30.22
C THR B 158 6.83 -12.23 30.37
N GLN B 159 7.79 -11.39 30.00
CA GLN B 159 9.21 -11.66 30.24
C GLN B 159 9.53 -11.69 31.75
N LEU B 160 8.61 -11.19 32.58
CA LEU B 160 8.84 -11.14 34.02
C LEU B 160 9.01 -12.51 34.68
N ASN B 161 8.33 -13.53 34.17
CA ASN B 161 8.29 -14.85 34.82
C ASN B 161 7.75 -15.93 33.87
N SER B 162 8.35 -17.14 33.91
CA SER B 162 8.11 -18.14 32.84
C SER B 162 6.71 -18.76 32.75
N ASP B 163 5.89 -18.55 33.76
CA ASP B 163 4.55 -19.12 33.71
C ASP B 163 3.51 -18.08 34.09
N ARG B 164 3.55 -16.93 33.40
CA ARG B 164 2.51 -15.89 33.58
C ARG B 164 2.06 -15.40 32.21
N PHE B 165 0.80 -15.66 31.88
CA PHE B 165 0.26 -15.42 30.54
C PHE B 165 -0.87 -14.41 30.53
N LEU B 166 -0.99 -13.67 29.42
CA LEU B 166 -2.14 -12.79 29.15
C LEU B 166 -3.43 -13.62 29.15
N SER B 167 -4.31 -13.35 30.12
CA SER B 167 -5.46 -14.19 30.40
C SER B 167 -6.67 -13.33 30.72
N LYS B 168 -7.78 -13.56 30.02
CA LYS B 168 -9.05 -12.94 30.41
C LYS B 168 -9.48 -13.57 31.74
N ASN B 169 -9.93 -12.74 32.69
CA ASN B 169 -10.54 -13.22 33.93
C ASN B 169 -11.72 -14.16 33.69
N LEU B 170 -11.97 -15.07 34.65
CA LEU B 170 -13.18 -15.89 34.61
C LEU B 170 -14.39 -15.00 34.84
N ASN B 171 -15.36 -15.07 33.93
CA ASN B 171 -16.62 -14.35 34.05
C ASN B 171 -16.49 -12.83 34.11
N SER B 172 -15.44 -12.30 33.50
CA SER B 172 -15.18 -10.87 33.49
C SER B 172 -14.39 -10.51 32.22
N GLN B 173 -14.46 -9.25 31.79
CA GLN B 173 -13.76 -8.84 30.57
C GLN B 173 -12.32 -8.38 30.86
N ILE B 174 -12.01 -8.19 32.14
CA ILE B 174 -10.72 -7.63 32.52
C ILE B 174 -9.62 -8.65 32.30
N ILE B 175 -8.49 -8.21 31.75
CA ILE B 175 -7.40 -9.11 31.38
C ILE B 175 -6.24 -8.96 32.37
N VAL B 176 -5.72 -10.10 32.83
CA VAL B 176 -4.72 -10.16 33.89
C VAL B 176 -3.60 -11.16 33.54
N LEU B 177 -2.58 -11.25 34.39
CA LEU B 177 -1.62 -12.35 34.29
C LEU B 177 -2.18 -13.57 34.98
N TRP B 178 -2.04 -14.74 34.36
CA TRP B 178 -2.33 -16.01 35.06
C TRP B 178 -1.39 -17.11 34.57
N GLN B 179 -1.07 -18.05 35.46
CA GLN B 179 -0.38 -19.28 35.10
C GLN B 179 -1.10 -19.97 33.94
N TRP B 180 -0.33 -20.67 33.11
CA TRP B 180 -0.89 -21.42 31.99
C TRP B 180 -1.70 -22.62 32.49
N PHE B 181 -2.94 -22.73 32.00
CA PHE B 181 -3.76 -23.93 32.16
C PHE B 181 -4.49 -24.30 30.86
N ASP B 182 -3.88 -23.91 29.73
CA ASP B 182 -4.43 -24.23 28.40
C ASP B 182 -5.88 -23.78 28.23
N SER B 183 -6.19 -22.63 28.83
CA SER B 183 -7.56 -22.12 28.81
C SER B 183 -7.84 -21.32 27.54
N SER B 184 -9.05 -21.43 27.01
CA SER B 184 -9.52 -20.53 25.97
C SER B 184 -9.40 -19.04 26.38
N ARG B 185 -9.33 -18.78 27.68
CA ARG B 185 -9.19 -17.40 28.15
C ARG B 185 -7.76 -16.88 27.98
N GLN B 186 -6.86 -17.77 27.56
CA GLN B 186 -5.43 -17.46 27.45
C GLN B 186 -4.91 -17.65 26.02
N LYS B 187 -5.83 -17.82 25.08
CA LYS B 187 -5.48 -18.03 23.67
C LYS B 187 -6.04 -16.89 22.82
N TRP B 188 -5.19 -16.38 21.93
CA TRP B 188 -5.43 -15.10 21.28
C TRP B 188 -5.14 -15.25 19.79
N ILE B 189 -6.18 -15.04 18.97
CA ILE B 189 -5.99 -15.08 17.51
C ILE B 189 -5.47 -13.73 17.08
N ILE B 190 -4.26 -13.72 16.51
CA ILE B 190 -3.64 -12.48 16.06
C ILE B 190 -3.96 -12.29 14.58
N GLU B 191 -4.58 -11.16 14.25
CA GLU B 191 -5.05 -10.90 12.89
C GLU B 191 -4.71 -9.50 12.46
N TYR B 192 -4.05 -9.39 11.31
CA TYR B 192 -3.68 -8.10 10.78
C TYR B 192 -4.90 -7.42 10.17
N ASN B 193 -5.08 -6.16 10.51
CA ASN B 193 -6.14 -5.35 9.92
C ASN B 193 -5.55 -4.44 8.84
N GLU B 194 -5.97 -4.65 7.59
CA GLU B 194 -5.45 -3.87 6.46
C GLU B 194 -5.77 -2.37 6.55
N THR B 195 -6.97 -2.05 7.02
CA THR B 195 -7.43 -0.65 7.16
C THR B 195 -6.54 0.13 8.14
N LYS B 196 -6.24 -0.49 9.27
CA LYS B 196 -5.43 0.16 10.32
C LYS B 196 -3.94 -0.13 10.19
N SER B 197 -3.58 -1.07 9.33
CA SER B 197 -2.20 -1.55 9.21
C SER B 197 -1.62 -1.94 10.58
N ALA B 198 -2.44 -2.63 11.37
CA ALA B 198 -2.07 -3.06 12.72
C ALA B 198 -2.91 -4.27 13.10
N TYR B 199 -2.64 -4.86 14.26
CA TYR B 199 -3.22 -6.14 14.64
C TYR B 199 -4.32 -6.02 15.66
N THR B 200 -5.30 -6.91 15.57
CA THR B 200 -6.20 -7.20 16.70
C THR B 200 -5.84 -8.55 17.30
N LEU B 201 -6.23 -8.76 18.55
CA LEU B 201 -5.96 -10.01 19.25
C LEU B 201 -7.25 -10.48 19.86
N LYS B 202 -7.73 -11.65 19.39
CA LYS B 202 -9.06 -12.11 19.74
C LYS B 202 -9.03 -13.26 20.73
N CYS B 203 -9.66 -13.04 21.89
CA CYS B 203 -9.72 -14.06 22.94
C CYS B 203 -10.60 -15.23 22.51
N GLN B 204 -10.04 -16.45 22.55
CA GLN B 204 -10.75 -17.66 22.11
C GLN B 204 -12.06 -17.86 22.90
N GLU B 205 -12.01 -17.55 24.18
CA GLU B 205 -13.17 -17.78 25.05
C GLU B 205 -14.45 -17.05 24.62
N ASN B 206 -14.34 -15.80 24.21
CA ASN B 206 -15.54 -14.99 23.93
C ASN B 206 -15.57 -14.28 22.58
N ASN B 207 -14.54 -14.50 21.75
CA ASN B 207 -14.43 -13.86 20.44
C ASN B 207 -14.44 -12.33 20.49
N ARG B 208 -13.95 -11.79 21.60
CA ARG B 208 -13.85 -10.36 21.75
C ARG B 208 -12.37 -10.00 21.86
N TYR B 209 -12.03 -8.72 21.68
CA TYR B 209 -10.68 -8.31 21.35
C TYR B 209 -9.96 -7.54 22.47
N LEU B 210 -8.66 -7.78 22.57
CA LEU B 210 -7.78 -7.03 23.48
C LEU B 210 -7.88 -5.53 23.17
N THR B 211 -8.37 -4.76 24.15
CA THR B 211 -8.69 -3.36 23.93
C THR B 211 -8.31 -2.53 25.15
N TRP B 212 -7.71 -1.38 24.90
CA TRP B 212 -7.40 -0.40 25.93
C TRP B 212 -8.70 0.29 26.38
N ILE B 213 -9.05 0.13 27.65
CA ILE B 213 -10.21 0.84 28.20
C ILE B 213 -9.71 2.08 28.93
N GLN B 214 -9.98 3.23 28.33
CA GLN B 214 -9.41 4.49 28.80
C GLN B 214 -10.17 5.07 29.98
N ASN B 215 -9.56 4.91 31.15
CA ASN B 215 -10.00 5.55 32.40
C ASN B 215 -8.79 5.60 33.34
N SER B 216 -9.00 5.94 34.61
CA SER B 216 -7.89 6.11 35.55
C SER B 216 -7.09 4.82 35.79
N ASN B 217 -7.71 3.68 35.52
CA ASN B 217 -7.07 2.36 35.67
C ASN B 217 -6.24 1.94 34.46
N ASN B 218 -6.64 2.41 33.28
CA ASN B 218 -6.01 2.04 32.01
C ASN B 218 -5.84 0.53 31.81
N TYR B 219 -6.81 -0.25 32.29
CA TYR B 219 -6.76 -1.71 32.08
C TYR B 219 -7.02 -2.04 30.63
N VAL B 220 -6.51 -3.18 30.18
CA VAL B 220 -6.98 -3.80 28.95
C VAL B 220 -8.09 -4.79 29.28
N GLU B 221 -9.13 -4.78 28.44
CA GLU B 221 -10.26 -5.70 28.55
C GLU B 221 -10.56 -6.31 27.19
N THR B 222 -11.24 -7.45 27.18
CA THR B 222 -11.87 -7.90 25.93
C THR B 222 -13.07 -6.99 25.64
N TYR B 223 -13.22 -6.61 24.37
CA TYR B 223 -14.24 -5.67 23.96
C TYR B 223 -14.77 -6.06 22.59
N GLN B 224 -16.05 -5.76 22.36
CA GLN B 224 -16.69 -5.91 21.07
C GLN B 224 -15.83 -5.36 19.95
N SER B 225 -15.99 -5.91 18.75
CA SER B 225 -15.36 -5.35 17.57
C SER B 225 -15.66 -3.85 17.43
N THR B 226 -14.61 -3.08 17.13
CA THR B 226 -14.73 -1.64 16.95
C THR B 226 -13.68 -1.13 15.95
N ASP B 227 -13.97 0.01 15.33
CA ASP B 227 -13.04 0.70 14.44
C ASP B 227 -12.15 1.68 15.21
N SER B 228 -12.47 1.88 16.49
CA SER B 228 -11.70 2.76 17.37
CA SER B 228 -11.70 2.76 17.37
C SER B 228 -10.27 2.24 17.56
N LEU B 229 -9.31 3.15 17.54
CA LEU B 229 -7.88 2.81 17.56
C LEU B 229 -7.44 2.04 18.80
N ILE B 230 -8.23 2.15 19.87
CA ILE B 230 -7.97 1.48 21.16
C ILE B 230 -7.89 -0.04 21.04
N GLN B 231 -8.43 -0.59 19.95
CA GLN B 231 -8.46 -2.03 19.75
C GLN B 231 -7.32 -2.55 18.88
N TYR B 232 -6.47 -1.64 18.38
CA TYR B 232 -5.43 -2.00 17.41
C TYR B 232 -4.01 -1.83 17.95
N TRP B 233 -3.15 -2.77 17.59
CA TRP B 233 -1.82 -2.88 18.18
C TRP B 233 -0.73 -3.03 17.12
N ASN B 234 0.29 -2.17 17.19
CA ASN B 234 1.51 -2.37 16.43
C ASN B 234 2.36 -3.35 17.23
N ILE B 235 2.46 -4.57 16.72
CA ILE B 235 3.28 -5.59 17.35
C ILE B 235 4.66 -5.50 16.70
N ASN B 236 5.67 -5.23 17.51
CA ASN B 236 7.03 -5.12 16.99
C ASN B 236 8.04 -5.78 17.92
N TYR B 237 9.24 -6.05 17.41
CA TYR B 237 10.30 -6.55 18.26
C TYR B 237 10.84 -5.44 19.15
N LEU B 238 11.49 -5.84 20.24
CA LEU B 238 12.21 -4.90 21.08
CA LEU B 238 12.24 -4.91 21.09
C LEU B 238 13.26 -4.18 20.22
N ASP B 239 13.65 -2.98 20.65
CA ASP B 239 14.69 -2.17 19.99
C ASP B 239 15.82 -3.00 19.36
N ASN B 240 16.44 -3.89 20.15
CA ASN B 240 17.61 -4.66 19.69
CA ASN B 240 17.60 -4.66 19.71
C ASN B 240 17.52 -6.16 20.00
N ASP B 241 16.31 -6.72 19.94
CA ASP B 241 16.14 -8.12 20.30
C ASP B 241 14.88 -8.64 19.62
N ALA B 242 15.07 -9.54 18.66
CA ALA B 242 13.95 -10.15 17.94
C ALA B 242 13.37 -11.40 18.63
N SER B 243 13.73 -11.64 19.89
CA SER B 243 13.18 -12.80 20.62
C SER B 243 11.98 -12.42 21.49
N LYS B 244 11.66 -11.14 21.52
CA LYS B 244 10.50 -10.68 22.28
C LYS B 244 9.92 -9.40 21.69
N TYR B 245 8.76 -9.01 22.22
CA TYR B 245 7.89 -8.03 21.58
C TYR B 245 7.43 -6.89 22.47
N ILE B 246 7.16 -5.76 21.83
CA ILE B 246 6.44 -4.63 22.42
C ILE B 246 5.14 -4.50 21.62
N LEU B 247 4.04 -4.25 22.31
CA LEU B 247 2.75 -4.01 21.64
C LEU B 247 2.32 -2.58 21.92
N TYR B 248 2.43 -1.71 20.91
CA TYR B 248 2.06 -0.29 21.00
C TYR B 248 0.61 -0.13 20.63
N ASN B 249 -0.14 0.59 21.45
CA ASN B 249 -1.55 0.80 21.13
C ASN B 249 -1.74 1.96 20.15
N LEU B 250 -2.57 1.76 19.13
CA LEU B 250 -2.69 2.75 18.05
C LEU B 250 -3.35 4.05 18.50
N GLN B 251 -4.12 3.98 19.59
CA GLN B 251 -4.76 5.17 20.16
C GLN B 251 -3.71 6.18 20.67
N ASP B 252 -2.60 5.66 21.19
CA ASP B 252 -1.46 6.48 21.58
C ASP B 252 -0.24 5.58 21.53
N THR B 253 0.52 5.68 20.44
CA THR B 253 1.63 4.77 20.17
C THR B 253 2.86 5.01 21.07
N ASN B 254 2.78 6.04 21.91
CA ASN B 254 3.74 6.19 23.00
C ASN B 254 3.44 5.28 24.19
N ARG B 255 2.31 4.57 24.12
CA ARG B 255 1.85 3.71 25.21
C ARG B 255 1.72 2.25 24.76
N VAL B 256 2.03 1.34 25.68
CA VAL B 256 2.21 -0.07 25.34
C VAL B 256 1.58 -1.02 26.36
N LEU B 257 1.36 -2.27 25.94
CA LEU B 257 0.88 -3.34 26.81
C LEU B 257 1.89 -3.55 27.95
N ASP B 258 1.40 -3.51 29.20
CA ASP B 258 2.29 -3.24 30.36
C ASP B 258 1.78 -4.05 31.55
N VAL B 259 2.67 -4.78 32.22
CA VAL B 259 2.30 -5.47 33.46
C VAL B 259 2.46 -4.53 34.66
N TYR B 260 1.34 -4.24 35.33
CA TYR B 260 1.25 -3.28 36.44
C TYR B 260 2.39 -3.42 37.45
N ASN B 261 3.25 -2.39 37.48
CA ASN B 261 4.43 -2.32 38.36
C ASN B 261 5.27 -3.59 38.47
N SER B 262 5.41 -4.32 37.36
CA SER B 262 6.22 -5.54 37.30
C SER B 262 5.78 -6.61 38.31
N GLN B 263 4.56 -6.53 38.78
CA GLN B 263 4.01 -7.55 39.69
C GLN B 263 3.75 -8.85 38.91
N ILE B 264 3.96 -10.01 39.55
CA ILE B 264 3.85 -11.28 38.84
C ILE B 264 2.74 -12.20 39.33
N ALA B 265 2.08 -11.84 40.44
CA ALA B 265 1.04 -12.73 40.98
C ALA B 265 -0.07 -12.98 39.96
N ASN B 266 -0.67 -14.17 40.00
CA ASN B 266 -1.95 -14.40 39.33
C ASN B 266 -2.89 -13.26 39.68
N GLY B 267 -3.51 -12.68 38.65
CA GLY B 267 -4.46 -11.59 38.84
C GLY B 267 -3.89 -10.20 38.68
N THR B 268 -2.57 -10.09 38.52
CA THR B 268 -1.92 -8.80 38.26
C THR B 268 -2.55 -8.16 37.03
N HIS B 269 -2.92 -6.89 37.13
CA HIS B 269 -3.54 -6.21 36.02
C HIS B 269 -2.55 -5.97 34.89
N VAL B 270 -3.04 -6.18 33.68
CA VAL B 270 -2.33 -5.72 32.49
C VAL B 270 -3.01 -4.42 32.03
N ILE B 271 -2.17 -3.46 31.66
CA ILE B 271 -2.61 -2.08 31.40
C ILE B 271 -1.92 -1.55 30.15
N VAL B 272 -2.24 -0.30 29.80
CA VAL B 272 -1.52 0.41 28.74
C VAL B 272 -0.90 1.63 29.40
N ASP B 273 0.42 1.76 29.29
CA ASP B 273 1.16 2.84 29.95
C ASP B 273 2.34 3.28 29.09
N SER B 274 2.93 4.43 29.43
CA SER B 274 4.04 4.99 28.67
C SER B 274 5.17 4.01 28.44
N TYR B 275 5.62 3.93 27.19
CA TYR B 275 6.74 3.07 26.82
C TYR B 275 8.01 3.45 27.55
N HIS B 276 8.66 2.46 28.14
CA HIS B 276 10.05 2.60 28.55
C HIS B 276 10.87 1.40 28.10
N GLY B 277 10.18 0.30 27.79
CA GLY B 277 10.83 -0.90 27.27
C GLY B 277 11.46 -1.79 28.33
N ASN B 278 11.19 -1.54 29.61
CA ASN B 278 11.63 -2.44 30.68
C ASN B 278 10.95 -3.80 30.58
N THR B 279 11.36 -4.74 31.43
CA THR B 279 10.89 -6.12 31.31
C THR B 279 9.37 -6.29 31.42
N ASN B 280 8.69 -5.43 32.19
CA ASN B 280 7.24 -5.53 32.33
C ASN B 280 6.44 -5.08 31.09
N GLN B 281 7.14 -4.58 30.08
CA GLN B 281 6.51 -4.25 28.79
C GLN B 281 6.96 -5.20 27.68
N GLN B 282 7.72 -6.22 28.06
CA GLN B 282 8.27 -7.17 27.08
C GLN B 282 7.47 -8.46 27.07
N TRP B 283 7.08 -8.92 25.88
CA TRP B 283 6.19 -10.08 25.77
C TRP B 283 6.80 -11.14 24.87
N ILE B 284 6.55 -12.40 25.23
CA ILE B 284 7.02 -13.52 24.46
C ILE B 284 5.76 -14.11 23.83
N ILE B 285 5.73 -14.15 22.50
CA ILE B 285 4.56 -14.65 21.79
C ILE B 285 4.91 -15.98 21.14
N ASN B 286 4.10 -16.99 21.43
CA ASN B 286 4.26 -18.32 20.81
C ASN B 286 2.97 -18.84 20.22
N LEU B 287 3.08 -19.60 19.15
CA LEU B 287 1.94 -20.31 18.58
C LEU B 287 1.52 -21.42 19.54
N ILE B 288 0.21 -21.61 19.67
CA ILE B 288 -0.36 -22.62 20.57
C ILE B 288 0.05 -24.06 20.19
C1 GAL C . -9.70 -15.53 37.41
C2 GAL C . -10.14 -16.75 38.22
C3 GAL C . -9.10 -17.88 38.10
C4 GAL C . -8.65 -18.14 36.66
C5 GAL C . -8.33 -16.80 35.95
C6 GAL C . -7.96 -16.95 34.48
O1 GAL C . -10.74 -14.58 37.37
O2 GAL C . -10.31 -16.38 39.58
O3 GAL C . -9.61 -19.07 38.67
O4 GAL C . -9.68 -18.84 35.97
O5 GAL C . -9.42 -15.91 36.08
O6 GAL C . -9.11 -16.97 33.67
C1 GAL D . 5.41 1.59 37.07
C2 GAL D . 5.99 0.83 35.87
C3 GAL D . 5.06 1.02 34.69
C4 GAL D . 3.61 0.67 35.05
C5 GAL D . 3.20 1.42 36.32
C6 GAL D . 1.76 1.16 36.77
O1 GAL D . 6.26 1.40 38.18
O2 GAL D . 7.29 1.32 35.55
O3 GAL D . 5.57 0.29 33.58
O4 GAL D . 3.47 -0.72 35.26
O5 GAL D . 4.10 1.13 37.36
O6 GAL D . 1.45 2.03 37.83
#